data_5RC4
#
_entry.id   5RC4
#
_cell.length_a   45.238
_cell.length_b   72.821
_cell.length_c   52.411
_cell.angle_alpha   90.000
_cell.angle_beta   109.250
_cell.angle_gamma   90.000
#
_symmetry.space_group_name_H-M   'P 1 21 1'
#
loop_
_entity.id
_entity.type
_entity.pdbx_description
1 polymer Endothiapepsin
2 non-polymer N-[(4-bromo-3-methylphenyl)methyl]-2-(methylsulfonyl)ethan-1-amine
3 non-polymer 'DIMETHYL SULFOXIDE'
4 non-polymer GLYCEROL
5 non-polymer 'ACETATE ION'
6 non-polymer 'TETRAETHYLENE GLYCOL'
7 water water
#
_entity_poly.entity_id   1
_entity_poly.type   'polypeptide(L)'
_entity_poly.pdbx_seq_one_letter_code
;MSSPLKNALVTAMLAGGALSSPTKQHVGIPVNASPEVGPGKYSFKQVRNPNYKFNGPLSVKKTYLKYGVPIPAWLEDAVQ
NSTSGLAERSTGSATTTPIDSLDDAYITPVQIGTPAQTLNLDFDTGSSDLWVFSSETTASEVDGQTIYTPSKSTTAKLLS
GATWSISYGDGSSSSGDVYTDTVSVGGLTVTGQAVESAKKVSSSFTEDSTIDGLLGLAFSTLNTVSPTQQKTFFDNAKAS
LDSPVFTADLGYHAPGTYNFGFIDTTAYTGSITYTAVSTKQGFWEWTSTGYAVGSGTFKSTSIDGIADTGTTLLYLPATV
VSAYWAQVSGAKSSSSVGGYVFPCSATLPSFTFGVGSARIVIPGDYIDFGPISTGSSSCFGGIQSSAGIGINIFGDVALK
AAFVVFNGATTPTLGFASK
;
_entity_poly.pdbx_strand_id   A
#
# COMPACT_ATOMS: atom_id res chain seq x y z
N SER A 90 6.00 -18.14 17.01
CA SER A 90 5.79 -16.73 17.42
C SER A 90 4.66 -16.13 16.56
N THR A 91 4.14 -15.04 17.06
CA THR A 91 3.13 -14.21 16.32
C THR A 91 3.40 -12.75 16.63
N GLY A 92 2.80 -11.90 15.82
CA GLY A 92 2.71 -10.48 16.12
C GLY A 92 1.38 -9.92 15.72
N SER A 93 0.99 -8.81 16.33
CA SER A 93 -0.30 -8.17 16.00
C SER A 93 -0.17 -6.70 16.23
N ALA A 94 -0.39 -5.86 15.23
CA ALA A 94 -0.22 -4.41 15.34
C ALA A 94 -1.42 -3.74 14.72
N THR A 95 -1.82 -2.64 15.32
CA THR A 95 -2.89 -1.80 14.78
C THR A 95 -2.37 -0.90 13.70
N THR A 96 -3.12 -0.78 12.61
CA THR A 96 -2.80 0.12 11.51
C THR A 96 -3.86 1.21 11.44
N THR A 97 -3.44 2.45 11.22
CA THR A 97 -4.31 3.62 11.43
C THR A 97 -4.28 4.47 10.16
N PRO A 98 -5.44 4.91 9.63
N PRO A 98 -5.43 4.90 9.59
N PRO A 98 -5.44 4.90 9.63
N PRO A 98 -5.44 4.89 9.60
CA PRO A 98 -5.42 5.74 8.42
CA PRO A 98 -5.41 5.87 8.50
CA PRO A 98 -5.43 5.73 8.42
CA PRO A 98 -5.42 5.85 8.50
C PRO A 98 -4.73 7.07 8.73
C PRO A 98 -4.59 7.13 8.79
C PRO A 98 -4.77 7.06 8.78
C PRO A 98 -4.64 7.12 8.83
N ILE A 99 -3.96 7.59 7.77
N ILE A 99 -3.91 7.61 7.77
N ILE A 99 -3.99 7.61 7.85
N ILE A 99 -3.93 7.65 7.84
CA ILE A 99 -3.13 8.81 7.95
CA ILE A 99 -3.09 8.85 7.92
CA ILE A 99 -3.22 8.85 8.14
CA ILE A 99 -3.16 8.90 8.10
C ILE A 99 -4.00 10.08 7.87
C ILE A 99 -3.99 10.10 7.84
C ILE A 99 -4.13 10.07 8.09
C ILE A 99 -4.11 10.10 8.05
N ASP A 100 -5.24 9.97 7.39
CA ASP A 100 -6.12 11.15 7.17
C ASP A 100 -7.53 10.66 7.00
N SER A 101 -8.45 11.63 6.83
CA SER A 101 -9.89 11.34 6.80
C SER A 101 -10.32 10.60 5.52
N LEU A 102 -9.44 10.46 4.57
CA LEU A 102 -9.77 9.80 3.30
C LEU A 102 -9.22 8.39 3.24
N ASP A 103 -8.48 7.93 4.26
CA ASP A 103 -7.78 6.62 4.20
C ASP A 103 -6.76 6.64 3.06
N ASP A 104 -6.00 7.71 2.86
N ASP A 104 -5.99 7.70 2.86
N ASP A 104 -6.05 7.76 2.93
N ASP A 104 -6.05 7.76 2.93
CA ASP A 104 -5.04 7.70 1.72
CA ASP A 104 -5.03 7.68 1.73
CA ASP A 104 -5.08 7.98 1.84
CA ASP A 104 -5.08 7.98 1.84
C ASP A 104 -3.97 6.62 1.92
C ASP A 104 -3.98 6.59 1.93
C ASP A 104 -3.90 7.03 1.98
C ASP A 104 -3.90 7.03 1.98
N ALA A 105 -3.62 6.37 3.16
N ALA A 105 -3.63 6.35 3.17
N ALA A 105 -3.62 6.55 3.19
N ALA A 105 -3.62 6.55 3.19
CA ALA A 105 -2.69 5.29 3.48
CA ALA A 105 -2.69 5.28 3.48
CA ALA A 105 -2.59 5.53 3.51
CA ALA A 105 -2.59 5.53 3.51
C ALA A 105 -2.89 5.01 4.94
C ALA A 105 -2.88 5.01 4.94
C ALA A 105 -2.83 5.08 4.94
C ALA A 105 -2.83 5.08 4.94
N TYR A 106 -2.19 3.99 5.40
CA TYR A 106 -2.30 3.47 6.76
C TYR A 106 -0.90 3.36 7.33
N ILE A 107 -0.74 3.72 8.56
CA ILE A 107 0.55 3.64 9.26
C ILE A 107 0.46 2.70 10.44
N THR A 108 1.55 1.98 10.68
CA THR A 108 1.65 0.94 11.69
C THR A 108 2.91 1.22 12.46
N PRO A 109 2.88 1.24 13.82
CA PRO A 109 4.10 1.50 14.57
C PRO A 109 5.03 0.28 14.49
N VAL A 110 6.30 0.58 14.35
CA VAL A 110 7.38 -0.43 14.22
C VAL A 110 8.51 0.01 15.13
N GLN A 111 9.00 -0.93 15.94
CA GLN A 111 10.14 -0.69 16.83
C GLN A 111 11.43 -1.06 16.11
N ILE A 112 12.37 -0.13 16.05
CA ILE A 112 13.67 -0.40 15.38
C ILE A 112 14.76 -0.07 16.39
N GLY A 113 15.70 -0.97 16.56
CA GLY A 113 16.89 -0.64 17.34
C GLY A 113 16.74 -0.91 18.80
N THR A 114 17.84 -0.60 19.52
CA THR A 114 17.95 -0.82 20.98
C THR A 114 18.64 0.38 21.61
N PRO A 115 18.01 1.12 22.51
CA PRO A 115 16.59 1.03 22.85
C PRO A 115 15.72 1.29 21.63
N ALA A 116 14.47 0.84 21.71
CA ALA A 116 13.55 0.94 20.60
C ALA A 116 13.39 2.38 20.15
N GLN A 117 13.37 2.58 18.85
CA GLN A 117 12.95 3.80 18.18
C GLN A 117 11.67 3.45 17.42
N THR A 118 10.55 4.04 17.77
CA THR A 118 9.28 3.68 17.14
C THR A 118 9.02 4.63 15.99
N LEU A 119 8.89 4.07 14.79
CA LEU A 119 8.54 4.80 13.59
C LEU A 119 7.22 4.26 13.06
N ASN A 120 6.45 5.12 12.46
CA ASN A 120 5.18 4.75 11.87
C ASN A 120 5.35 4.49 10.38
N LEU A 121 5.26 3.22 9.99
CA LEU A 121 5.59 2.82 8.62
C LEU A 121 4.34 2.43 7.88
N ASP A 122 4.41 2.63 6.57
N ASP A 122 4.42 2.63 6.58
N ASP A 122 4.40 2.64 6.57
N ASP A 122 4.40 2.64 6.57
CA ASP A 122 3.38 2.23 5.61
CA ASP A 122 3.38 2.22 5.62
CA ASP A 122 3.33 2.23 5.64
CA ASP A 122 3.33 2.23 5.64
C ASP A 122 3.67 0.79 5.18
C ASP A 122 3.67 0.78 5.18
C ASP A 122 3.64 0.81 5.17
C ASP A 122 3.64 0.81 5.17
N PHE A 123 2.89 -0.17 5.64
CA PHE A 123 3.07 -1.58 5.26
C PHE A 123 2.58 -1.74 3.84
N ASP A 124 3.48 -2.17 2.95
N ASP A 124 3.48 -2.17 2.95
N ASP A 124 3.43 -2.27 2.97
N ASP A 124 3.43 -2.27 2.97
CA ASP A 124 3.22 -2.15 1.51
CA ASP A 124 3.22 -2.15 1.51
CA ASP A 124 3.27 -2.15 1.51
CA ASP A 124 3.27 -2.15 1.51
C ASP A 124 3.43 -3.55 0.93
C ASP A 124 3.43 -3.55 0.93
C ASP A 124 3.44 -3.53 0.88
C ASP A 124 3.44 -3.53 0.88
N THR A 125 2.35 -4.24 0.64
CA THR A 125 2.40 -5.56 0.00
C THR A 125 2.78 -5.47 -1.49
N GLY A 126 2.98 -4.30 -2.02
CA GLY A 126 3.44 -4.10 -3.39
C GLY A 126 4.90 -3.74 -3.51
N SER A 127 5.68 -3.79 -2.45
CA SER A 127 7.13 -3.54 -2.57
C SER A 127 7.84 -4.34 -1.49
N SER A 128 9.16 -4.32 -1.53
CA SER A 128 9.96 -5.29 -0.76
C SER A 128 11.12 -4.66 -0.05
N ASP A 129 11.07 -3.37 0.19
CA ASP A 129 12.13 -2.64 0.92
C ASP A 129 11.54 -2.13 2.21
N LEU A 130 12.26 -2.26 3.29
CA LEU A 130 11.94 -1.59 4.57
C LEU A 130 12.87 -0.39 4.64
N TRP A 131 12.34 0.78 4.37
CA TRP A 131 13.17 1.98 4.37
C TRP A 131 12.56 3.01 5.28
N VAL A 132 13.42 3.83 5.85
CA VAL A 132 13.01 4.81 6.87
C VAL A 132 13.67 6.15 6.64
N PHE A 133 12.96 7.19 6.98
CA PHE A 133 13.57 8.50 7.26
C PHE A 133 14.57 8.30 8.38
N SER A 134 15.69 9.00 8.29
CA SER A 134 16.80 8.74 9.19
C SER A 134 17.56 10.03 9.49
N SER A 135 18.56 9.87 10.36
CA SER A 135 19.57 10.91 10.64
C SER A 135 20.39 11.19 9.39
N GLU A 136 20.35 10.37 8.38
CA GLU A 136 21.12 10.56 7.14
C GLU A 136 20.28 11.27 6.09
N THR A 137 18.98 11.43 6.28
CA THR A 137 18.12 12.00 5.21
C THR A 137 18.46 13.49 5.08
N THR A 138 18.69 13.92 3.85
CA THR A 138 18.86 15.35 3.45
C THR A 138 17.90 16.20 4.28
N ALA A 139 18.40 17.16 5.04
CA ALA A 139 17.57 17.89 6.04
C ALA A 139 16.39 18.59 5.36
N SER A 140 16.58 19.18 4.18
CA SER A 140 15.51 19.89 3.44
C SER A 140 14.41 18.94 2.98
N GLU A 141 14.63 17.62 3.06
CA GLU A 141 13.63 16.62 2.61
C GLU A 141 12.91 16.01 3.81
N VAL A 142 13.19 16.45 4.99
CA VAL A 142 12.47 15.98 6.19
C VAL A 142 11.57 17.12 6.64
N ASP A 143 10.30 16.85 6.85
CA ASP A 143 9.30 17.84 7.28
C ASP A 143 8.31 17.18 8.24
N GLY A 144 8.74 16.90 9.44
CA GLY A 144 7.84 16.41 10.50
C GLY A 144 7.96 14.93 10.77
N GLN A 145 8.61 14.16 9.89
N GLN A 145 8.60 14.16 9.89
N GLN A 145 8.67 14.19 9.92
N GLN A 145 8.67 14.19 9.92
CA GLN A 145 8.71 12.69 10.10
CA GLN A 145 8.71 12.70 10.11
CA GLN A 145 8.78 12.72 10.11
CA GLN A 145 8.78 12.72 10.11
C GLN A 145 9.62 12.38 11.28
C GLN A 145 9.62 12.40 11.29
C GLN A 145 9.59 12.44 11.38
C GLN A 145 9.59 12.44 11.38
N THR A 146 9.33 11.29 11.99
CA THR A 146 10.23 10.75 12.99
C THR A 146 11.36 10.03 12.25
N ILE A 147 12.57 10.19 12.69
CA ILE A 147 13.74 9.60 12.03
C ILE A 147 14.34 8.50 12.88
N TYR A 148 14.88 7.52 12.18
CA TYR A 148 15.74 6.48 12.75
C TYR A 148 17.18 7.01 12.82
N THR A 149 17.81 6.90 13.97
CA THR A 149 19.22 7.32 14.16
C THR A 149 20.00 6.08 14.53
N PRO A 150 20.68 5.44 13.56
CA PRO A 150 21.39 4.21 13.86
C PRO A 150 22.48 4.38 14.93
N SER A 151 23.09 5.56 15.02
CA SER A 151 24.17 5.77 15.98
C SER A 151 23.64 5.68 17.41
N LYS A 152 22.33 5.79 17.62
CA LYS A 152 21.74 5.67 18.97
C LYS A 152 21.31 4.25 19.26
N SER A 153 21.46 3.31 18.33
CA SER A 153 21.02 1.93 18.53
C SER A 153 22.22 1.05 18.78
N THR A 154 22.25 0.37 19.89
CA THR A 154 23.40 -0.49 20.25
C THR A 154 23.42 -1.73 19.38
N THR A 155 22.35 -2.05 18.67
CA THR A 155 22.27 -3.26 17.84
C THR A 155 22.43 -2.92 16.36
N ALA A 156 22.51 -1.65 16.00
CA ALA A 156 22.64 -1.26 14.59
C ALA A 156 24.06 -1.57 14.08
N LYS A 157 24.16 -1.99 12.83
N LYS A 157 24.15 -2.16 12.89
N LYS A 157 24.16 -2.00 12.84
N LYS A 157 24.15 -2.16 12.89
CA LYS A 157 25.46 -2.24 12.21
CA LYS A 157 25.42 -2.42 12.17
CA LYS A 157 25.46 -2.25 12.21
CA LYS A 157 25.42 -2.42 12.17
C LYS A 157 25.35 -1.94 10.73
C LYS A 157 25.28 -1.84 10.76
C LYS A 157 25.35 -1.94 10.73
C LYS A 157 25.28 -1.85 10.76
N LEU A 158 26.27 -1.11 10.26
CA LEU A 158 26.28 -0.72 8.85
C LEU A 158 26.39 -2.02 8.07
N LEU A 159 25.62 -2.17 7.03
CA LEU A 159 25.74 -3.25 6.06
C LEU A 159 26.69 -2.70 4.99
N SER A 160 27.98 -2.95 5.21
N SER A 160 27.96 -3.06 5.14
N SER A 160 27.98 -2.95 5.21
N SER A 160 27.96 -3.06 5.14
CA SER A 160 29.04 -2.21 4.49
CA SER A 160 29.09 -2.43 4.42
CA SER A 160 29.04 -2.21 4.48
CA SER A 160 29.09 -2.41 4.42
C SER A 160 28.93 -2.43 2.98
C SER A 160 28.86 -2.48 2.90
C SER A 160 28.92 -2.43 2.98
C SER A 160 28.88 -2.48 2.91
N GLY A 161 28.90 -1.32 2.24
CA GLY A 161 28.86 -1.30 0.78
C GLY A 161 27.49 -1.40 0.21
N ALA A 162 26.47 -1.68 1.02
CA ALA A 162 25.12 -1.89 0.45
C ALA A 162 24.43 -0.52 0.25
N THR A 163 23.80 -0.40 -0.90
CA THR A 163 22.96 0.78 -1.20
C THR A 163 21.63 0.30 -1.72
N TRP A 164 20.68 1.24 -1.77
CA TRP A 164 19.35 0.91 -2.29
C TRP A 164 18.82 2.15 -2.98
N SER A 165 17.92 1.88 -3.88
CA SER A 165 17.25 2.95 -4.66
C SER A 165 16.00 2.37 -5.24
N ILE A 166 14.89 3.03 -4.94
N ILE A 166 14.90 3.03 -4.94
N ILE A 166 14.87 3.01 -4.97
N ILE A 166 14.87 3.01 -4.97
CA ILE A 166 13.57 2.52 -5.38
CA ILE A 166 13.58 2.53 -5.38
CA ILE A 166 13.55 2.49 -5.39
CA ILE A 166 13.55 2.49 -5.39
C ILE A 166 12.78 3.68 -5.99
C ILE A 166 12.80 3.69 -5.98
C ILE A 166 12.76 3.56 -6.14
C ILE A 166 12.76 3.56 -6.14
N SER A 167 12.01 3.32 -7.00
N SER A 167 11.99 3.31 -6.96
N SER A 167 12.08 3.14 -7.19
N SER A 167 12.08 3.14 -7.19
CA SER A 167 11.04 4.20 -7.67
CA SER A 167 11.03 4.20 -7.61
CA SER A 167 11.18 3.96 -8.04
CA SER A 167 11.18 3.96 -8.04
C SER A 167 9.70 3.50 -7.61
C SER A 167 9.69 3.48 -7.60
C SER A 167 9.80 3.32 -8.00
C SER A 167 9.80 3.32 -8.00
N TYR A 168 8.65 4.26 -7.35
N TYR A 168 8.65 4.25 -7.35
N TYR A 168 8.82 3.99 -7.41
N TYR A 168 8.81 3.99 -7.41
CA TYR A 168 7.29 3.73 -7.16
CA TYR A 168 7.28 3.73 -7.16
CA TYR A 168 7.45 3.43 -7.35
CA TYR A 168 7.45 3.43 -7.35
C TYR A 168 6.43 4.16 -8.37
C TYR A 168 6.44 4.16 -8.37
C TYR A 168 6.68 3.81 -8.61
C TYR A 168 6.68 3.81 -8.61
N GLY A 169 5.31 3.48 -8.58
N GLY A 169 5.33 3.46 -8.59
N GLY A 169 5.57 3.11 -8.85
N GLY A 169 5.57 3.11 -8.85
CA GLY A 169 4.41 3.67 -9.73
CA GLY A 169 4.44 3.65 -9.75
CA GLY A 169 4.76 3.28 -10.06
CA GLY A 169 4.76 3.29 -10.06
C GLY A 169 3.91 5.10 -9.85
C GLY A 169 3.85 5.04 -9.85
C GLY A 169 4.27 4.71 -10.26
C GLY A 169 4.27 4.71 -10.26
N ASP A 170 3.90 5.86 -8.75
N ASP A 170 3.94 5.85 -8.79
N ASP A 170 4.05 5.48 -9.18
N ASP A 170 4.05 5.48 -9.18
CA ASP A 170 3.32 7.25 -8.71
CA ASP A 170 3.36 7.22 -8.72
CA ASP A 170 3.55 6.88 -9.22
CA ASP A 170 3.55 6.88 -9.21
C ASP A 170 4.40 8.27 -9.04
C ASP A 170 4.43 8.27 -9.02
C ASP A 170 4.70 7.83 -9.54
C ASP A 170 4.70 7.83 -9.54
N GLY A 171 5.63 7.84 -9.34
N GLY A 171 5.65 7.85 -9.33
N GLY A 171 5.93 7.31 -9.64
N GLY A 171 5.93 7.31 -9.64
CA GLY A 171 6.75 8.74 -9.64
CA GLY A 171 6.76 8.78 -9.64
CA GLY A 171 7.13 8.15 -9.87
CA GLY A 171 7.13 8.15 -9.87
C GLY A 171 7.72 8.87 -8.49
C GLY A 171 7.70 8.98 -8.46
C GLY A 171 7.67 8.76 -8.58
C GLY A 171 7.66 8.76 -8.58
N SER A 172 7.25 8.63 -7.26
N SER A 172 7.26 8.61 -7.25
N SER A 172 7.23 8.25 -7.44
N SER A 172 7.23 8.25 -7.44
CA SER A 172 8.03 8.87 -6.02
CA SER A 172 8.03 8.86 -6.02
CA SER A 172 7.88 8.59 -6.16
CA SER A 172 7.88 8.59 -6.16
C SER A 172 9.22 7.91 -5.95
C SER A 172 9.23 7.90 -5.95
C SER A 172 9.18 7.77 -6.06
C SER A 172 9.18 7.77 -6.06
N SER A 173 10.20 8.32 -5.17
N SER A 173 10.19 8.30 -5.16
N SER A 173 10.08 8.19 -5.20
N SER A 173 10.09 8.18 -5.21
CA SER A 173 11.46 7.58 -5.05
CA SER A 173 11.46 7.57 -5.04
CA SER A 173 11.39 7.49 -5.13
CA SER A 173 11.39 7.49 -5.13
C SER A 173 12.12 7.87 -3.72
C SER A 173 12.12 7.86 -3.71
C SER A 173 12.11 7.80 -3.84
C SER A 173 12.11 7.80 -3.84
N SER A 174 13.04 7.00 -3.34
N SER A 174 13.05 7.00 -3.35
N SER A 174 13.11 6.99 -3.54
N SER A 174 13.12 6.99 -3.54
CA SER A 174 13.98 7.24 -2.24
CA SER A 174 13.98 7.24 -2.25
CA SER A 174 13.91 7.10 -2.31
CA SER A 174 13.91 7.10 -2.31
C SER A 174 15.19 6.34 -2.48
C SER A 174 15.19 6.33 -2.48
C SER A 174 15.18 6.28 -2.49
C SER A 174 15.18 6.28 -2.49
N SER A 175 16.24 6.65 -1.76
CA SER A 175 17.50 5.90 -1.87
C SER A 175 18.39 6.18 -0.68
N GLY A 176 19.37 5.29 -0.48
CA GLY A 176 20.28 5.50 0.62
C GLY A 176 21.19 4.31 0.84
N ASP A 177 21.56 4.16 2.09
CA ASP A 177 22.44 3.05 2.53
C ASP A 177 21.71 2.15 3.51
N VAL A 178 22.37 1.18 4.09
CA VAL A 178 21.66 0.07 4.78
C VAL A 178 22.33 -0.24 6.07
N TYR A 179 21.54 -0.46 7.10
CA TYR A 179 21.97 -0.96 8.41
C TYR A 179 21.27 -2.29 8.65
N THR A 180 21.80 -3.14 9.46
CA THR A 180 21.01 -4.22 10.03
C THR A 180 20.69 -3.84 11.45
N ASP A 181 19.50 -4.21 11.90
CA ASP A 181 19.10 -3.89 13.29
C ASP A 181 17.96 -4.82 13.66
N THR A 182 17.58 -4.75 14.92
CA THR A 182 16.43 -5.50 15.45
C THR A 182 15.17 -4.74 15.13
N VAL A 183 14.19 -5.40 14.55
CA VAL A 183 12.91 -4.77 14.17
C VAL A 183 11.82 -5.60 14.78
N SER A 184 10.87 -4.92 15.45
CA SER A 184 9.71 -5.60 16.04
C SER A 184 8.43 -4.97 15.56
N VAL A 185 7.48 -5.81 15.24
CA VAL A 185 6.13 -5.41 14.81
C VAL A 185 5.16 -6.11 15.69
N GLY A 186 4.43 -5.37 16.51
CA GLY A 186 3.34 -5.99 17.25
C GLY A 186 3.79 -7.11 18.15
N GLY A 187 5.00 -7.02 18.69
CA GLY A 187 5.55 -8.07 19.57
C GLY A 187 6.35 -9.12 18.84
N LEU A 188 6.40 -9.16 17.54
CA LEU A 188 7.20 -10.14 16.76
C LEU A 188 8.52 -9.50 16.41
N THR A 189 9.62 -10.12 16.79
CA THR A 189 10.97 -9.52 16.64
C THR A 189 11.76 -10.27 15.64
N VAL A 190 12.41 -9.57 14.75
CA VAL A 190 13.43 -10.09 13.82
C VAL A 190 14.75 -9.44 14.15
N THR A 191 15.78 -10.22 14.36
CA THR A 191 17.13 -9.69 14.47
C THR A 191 17.82 -9.71 13.09
N GLY A 192 18.70 -8.76 12.87
CA GLY A 192 19.45 -8.70 11.63
C GLY A 192 18.59 -8.27 10.47
N GLN A 193 17.50 -7.57 10.66
CA GLN A 193 16.69 -7.06 9.55
C GLN A 193 17.43 -5.94 8.82
N ALA A 194 17.43 -5.96 7.52
CA ALA A 194 17.93 -4.82 6.76
C ALA A 194 16.98 -3.64 6.90
N VAL A 195 17.50 -2.57 7.41
CA VAL A 195 16.80 -1.28 7.58
C VAL A 195 17.48 -0.31 6.63
N GLU A 196 16.77 0.09 5.61
CA GLU A 196 17.32 0.90 4.51
C GLU A 196 17.13 2.36 4.91
N SER A 197 18.20 3.04 5.21
CA SER A 197 18.23 4.43 5.68
C SER A 197 18.21 5.37 4.52
N ALA A 198 17.21 6.24 4.41
CA ALA A 198 17.12 7.16 3.28
C ALA A 198 18.12 8.28 3.43
N LYS A 199 18.87 8.50 2.35
CA LYS A 199 19.63 9.77 2.17
C LYS A 199 18.79 10.75 1.41
N LYS A 200 17.97 10.31 0.49
CA LYS A 200 17.14 11.12 -0.42
C LYS A 200 15.76 10.54 -0.46
N VAL A 201 14.76 11.41 -0.47
CA VAL A 201 13.37 11.00 -0.70
C VAL A 201 12.75 12.04 -1.63
N SER A 202 11.79 11.62 -2.43
N SER A 202 11.79 11.62 -2.42
N SER A 202 11.78 11.63 -2.41
N SER A 202 11.78 11.63 -2.41
CA SER A 202 11.07 12.53 -3.35
CA SER A 202 11.07 12.54 -3.33
CA SER A 202 11.06 12.57 -3.32
CA SER A 202 11.06 12.57 -3.32
C SER A 202 10.12 13.43 -2.55
C SER A 202 10.09 13.41 -2.55
C SER A 202 9.98 13.32 -2.55
C SER A 202 9.98 13.32 -2.55
N SER A 203 9.69 14.50 -3.20
N SER A 203 9.60 14.43 -3.23
N SER A 203 9.41 14.34 -3.18
N SER A 203 9.41 14.34 -3.18
CA SER A 203 8.80 15.55 -2.64
CA SER A 203 8.75 15.51 -2.67
CA SER A 203 8.58 15.35 -2.50
CA SER A 203 8.59 15.35 -2.50
C SER A 203 7.63 14.90 -1.89
C SER A 203 7.57 14.89 -1.94
C SER A 203 7.29 14.71 -1.99
C SER A 203 7.29 14.71 -1.98
N SER A 204 7.02 13.90 -2.51
N SER A 204 6.99 13.85 -2.53
N SER A 204 6.72 13.69 -2.62
N SER A 204 6.72 13.69 -2.62
CA SER A 204 5.78 13.20 -2.09
CA SER A 204 5.75 13.16 -2.11
CA SER A 204 5.49 13.09 -2.04
CA SER A 204 5.49 13.10 -2.04
C SER A 204 5.92 12.57 -0.70
C SER A 204 5.90 12.53 -0.73
C SER A 204 5.84 12.57 -0.65
C SER A 204 5.84 12.58 -0.65
N PHE A 205 7.16 12.21 -0.32
N PHE A 205 7.15 12.20 -0.33
N PHE A 205 6.93 11.84 -0.53
N PHE A 205 6.93 11.84 -0.53
CA PHE A 205 7.46 11.67 1.03
CA PHE A 205 7.45 11.66 1.02
CA PHE A 205 7.30 11.32 0.79
CA PHE A 205 7.30 11.32 0.79
C PHE A 205 7.73 12.81 2.02
C PHE A 205 7.72 12.80 2.00
C PHE A 205 7.47 12.50 1.76
C PHE A 205 7.47 12.50 1.76
N THR A 206 8.53 13.79 1.64
N THR A 206 8.52 13.80 1.63
N THR A 206 8.20 13.53 1.35
N THR A 206 8.20 13.53 1.35
CA THR A 206 8.82 14.94 2.52
CA THR A 206 8.80 14.94 2.52
CA THR A 206 8.41 14.71 2.22
CA THR A 206 8.41 14.72 2.22
C THR A 206 7.50 15.56 2.96
C THR A 206 7.47 15.56 2.95
C THR A 206 7.07 15.28 2.69
C THR A 206 7.07 15.28 2.69
N GLU A 207 6.57 15.69 2.01
N GLU A 207 6.53 15.66 2.02
N GLU A 207 6.10 15.38 1.79
N GLU A 207 6.10 15.38 1.79
CA GLU A 207 5.31 16.44 2.22
CA GLU A 207 5.24 16.37 2.22
CA GLU A 207 4.77 16.00 2.09
CA GLU A 207 4.77 16.00 2.09
C GLU A 207 4.36 15.67 3.14
C GLU A 207 4.21 15.50 2.96
C GLU A 207 4.01 15.17 3.12
C GLU A 207 4.01 15.17 3.12
N ASP A 208 4.56 14.36 3.30
N ASP A 208 4.58 14.28 3.32
N ASP A 208 4.23 13.86 3.13
N ASP A 208 4.23 13.86 3.13
CA ASP A 208 3.67 13.54 4.17
CA ASP A 208 3.69 13.47 4.17
CA ASP A 208 3.45 12.94 3.99
CA ASP A 208 3.45 12.94 3.98
C ASP A 208 4.38 13.31 5.51
C ASP A 208 4.38 13.27 5.52
C ASP A 208 4.11 12.87 5.36
C ASP A 208 4.11 12.87 5.36
N SER A 209 4.15 14.18 6.50
N SER A 209 4.13 14.16 6.48
N SER A 209 3.88 13.90 6.17
N SER A 209 3.88 13.90 6.17
CA SER A 209 4.81 14.12 7.82
CA SER A 209 4.79 14.12 7.81
CA SER A 209 4.55 14.09 7.47
CA SER A 209 4.55 14.09 7.47
C SER A 209 4.36 12.89 8.59
C SER A 209 4.34 12.89 8.57
C SER A 209 4.28 12.90 8.42
C SER A 209 4.28 12.90 8.42
N THR A 210 3.28 12.24 8.15
N THR A 210 3.26 12.24 8.15
N THR A 210 3.18 12.18 8.24
N THR A 210 3.18 12.18 8.24
CA THR A 210 2.65 11.11 8.90
CA THR A 210 2.65 11.11 8.90
CA THR A 210 2.81 11.07 9.17
CA THR A 210 2.81 11.07 9.17
C THR A 210 3.32 9.77 8.58
C THR A 210 3.32 9.77 8.57
C THR A 210 3.49 9.75 8.77
C THR A 210 3.49 9.75 8.77
N ILE A 211 4.13 9.68 7.53
N ILE A 211 4.14 9.70 7.53
N ILE A 211 4.05 9.66 7.58
N ILE A 211 4.05 9.66 7.58
CA ILE A 211 4.71 8.40 7.09
CA ILE A 211 4.71 8.40 7.09
CA ILE A 211 4.70 8.39 7.12
CA ILE A 211 4.70 8.39 7.12
C ILE A 211 6.22 8.45 7.26
C ILE A 211 6.23 8.45 7.26
C ILE A 211 6.20 8.50 7.34
C ILE A 211 6.20 8.50 7.34
N ASP A 212 6.74 7.64 8.19
CA ASP A 212 8.17 7.68 8.54
C ASP A 212 8.96 6.71 7.70
N GLY A 213 8.32 5.99 6.79
CA GLY A 213 8.97 5.04 5.89
C GLY A 213 8.00 3.98 5.50
N LEU A 214 8.51 2.99 4.76
N LEU A 214 8.51 2.99 4.76
N LEU A 214 8.51 2.97 4.80
N LEU A 214 8.51 2.97 4.80
CA LEU A 214 7.71 1.88 4.23
CA LEU A 214 7.71 1.87 4.24
CA LEU A 214 7.70 1.88 4.21
CA LEU A 214 7.70 1.88 4.21
C LEU A 214 8.26 0.56 4.79
C LEU A 214 8.26 0.56 4.81
C LEU A 214 8.26 0.55 4.68
C LEU A 214 8.26 0.55 4.68
N LEU A 215 7.37 -0.39 4.94
CA LEU A 215 7.78 -1.76 5.25
C LEU A 215 7.21 -2.66 4.20
N GLY A 216 8.06 -3.13 3.29
CA GLY A 216 7.62 -3.93 2.15
C GLY A 216 7.30 -5.35 2.54
N LEU A 217 6.24 -5.85 1.93
CA LEU A 217 5.71 -7.20 2.21
C LEU A 217 5.43 -7.97 0.94
N ALA A 218 5.93 -7.49 -0.19
CA ALA A 218 5.92 -8.29 -1.43
C ALA A 218 7.07 -9.30 -1.33
N PHE A 219 7.36 -10.00 -2.41
CA PHE A 219 8.38 -11.07 -2.36
C PHE A 219 9.76 -10.43 -2.40
N SER A 220 10.72 -11.10 -1.73
CA SER A 220 12.05 -10.53 -1.54
C SER A 220 12.83 -10.36 -2.84
N THR A 221 12.41 -11.04 -3.89
CA THR A 221 12.98 -10.86 -5.24
C THR A 221 12.88 -9.45 -5.74
N LEU A 222 11.96 -8.61 -5.20
CA LEU A 222 11.88 -7.18 -5.60
C LEU A 222 12.76 -6.28 -4.76
N ASN A 223 13.41 -6.78 -3.70
CA ASN A 223 14.19 -5.89 -2.84
C ASN A 223 15.29 -5.21 -3.62
N THR A 224 15.53 -3.94 -3.41
CA THR A 224 16.45 -3.19 -4.29
C THR A 224 17.86 -3.10 -3.68
N VAL A 225 18.16 -3.70 -2.56
CA VAL A 225 19.52 -3.54 -2.01
C VAL A 225 20.55 -4.21 -2.93
N SER A 226 21.63 -3.51 -3.19
CA SER A 226 22.75 -3.93 -4.01
C SER A 226 24.01 -3.75 -3.19
N PRO A 227 25.02 -4.64 -3.35
CA PRO A 227 25.03 -5.77 -4.28
C PRO A 227 24.46 -7.05 -3.75
N THR A 228 24.00 -7.06 -2.50
CA THR A 228 23.46 -8.26 -1.86
C THR A 228 21.98 -7.99 -1.55
N GLN A 229 21.08 -8.60 -2.28
CA GLN A 229 19.64 -8.36 -2.07
C GLN A 229 19.30 -8.84 -0.68
N GLN A 230 18.36 -8.12 -0.04
CA GLN A 230 17.93 -8.39 1.34
C GLN A 230 16.51 -8.94 1.39
N LYS A 231 16.23 -9.61 2.48
CA LYS A 231 14.91 -10.18 2.75
C LYS A 231 13.97 -9.21 3.45
N THR A 232 12.70 -9.35 3.12
CA THR A 232 11.64 -8.60 3.85
C THR A 232 11.56 -9.04 5.30
N PHE A 233 10.88 -8.23 6.08
CA PHE A 233 10.58 -8.57 7.48
C PHE A 233 9.82 -9.87 7.55
N PHE A 234 8.86 -10.06 6.66
CA PHE A 234 8.06 -11.32 6.66
C PHE A 234 8.93 -12.51 6.31
N ASP A 235 9.75 -12.39 5.31
CA ASP A 235 10.61 -13.51 4.93
C ASP A 235 11.56 -13.82 6.07
N ASN A 236 12.14 -12.85 6.75
CA ASN A 236 13.00 -13.13 7.89
C ASN A 236 12.23 -13.71 9.06
N ALA A 237 10.99 -13.33 9.28
CA ALA A 237 10.20 -13.84 10.40
C ALA A 237 9.65 -15.24 10.18
N LYS A 238 9.46 -15.67 8.94
N LYS A 238 9.51 -15.63 8.93
N LYS A 238 9.46 -15.67 8.94
N LYS A 238 9.51 -15.63 8.93
CA LYS A 238 8.42 -16.70 8.63
CA LYS A 238 8.61 -16.74 8.48
CA LYS A 238 8.42 -16.70 8.63
CA LYS A 238 8.61 -16.74 8.48
C LYS A 238 8.82 -18.09 9.15
C LYS A 238 8.86 -18.00 9.31
C LYS A 238 8.82 -18.09 9.15
C LYS A 238 8.86 -18.00 9.30
N ALA A 239 10.12 -18.39 9.40
CA ALA A 239 10.51 -19.71 9.93
C ALA A 239 10.09 -19.76 11.40
N SER A 240 10.07 -18.63 12.10
CA SER A 240 9.74 -18.49 13.54
C SER A 240 8.26 -18.40 13.77
N LEU A 241 7.46 -18.09 12.77
CA LEU A 241 6.03 -17.89 12.96
C LEU A 241 5.30 -19.18 13.20
N ASP A 242 4.21 -19.12 13.89
CA ASP A 242 3.41 -20.33 14.13
C ASP A 242 2.88 -20.88 12.81
N SER A 243 2.55 -20.01 11.86
N SER A 243 2.44 -19.97 11.94
N SER A 243 2.55 -20.01 11.86
N SER A 243 2.45 -19.97 11.93
CA SER A 243 2.02 -20.33 10.52
CA SER A 243 2.07 -20.25 10.53
CA SER A 243 2.02 -20.32 10.51
CA SER A 243 2.09 -20.26 10.53
C SER A 243 2.62 -19.28 9.59
C SER A 243 2.78 -19.26 9.61
C SER A 243 2.62 -19.28 9.59
C SER A 243 2.78 -19.26 9.61
N PRO A 244 3.09 -19.63 8.37
CA PRO A 244 3.81 -18.71 7.50
C PRO A 244 2.89 -17.75 6.74
N VAL A 245 2.20 -16.91 7.51
CA VAL A 245 1.13 -16.06 7.00
C VAL A 245 1.21 -14.70 7.65
N PHE A 246 0.64 -13.71 6.96
CA PHE A 246 0.24 -12.48 7.63
C PHE A 246 -1.11 -12.10 7.07
N THR A 247 -1.85 -11.30 7.81
CA THR A 247 -3.20 -10.89 7.40
C THR A 247 -3.30 -9.38 7.49
N ALA A 248 -4.07 -8.84 6.56
CA ALA A 248 -4.41 -7.43 6.50
C ALA A 248 -5.86 -7.25 6.72
N ASP A 249 -6.23 -6.44 7.70
CA ASP A 249 -7.60 -6.15 8.05
C ASP A 249 -7.74 -4.65 8.15
N LEU A 250 -7.83 -3.98 7.03
CA LEU A 250 -7.82 -2.52 6.98
C LEU A 250 -9.20 -2.00 7.28
N GLY A 251 -9.28 -0.89 7.99
CA GLY A 251 -10.54 -0.26 8.32
C GLY A 251 -10.96 0.78 7.33
N TYR A 252 -12.26 0.98 7.18
CA TYR A 252 -12.84 2.13 6.47
C TYR A 252 -12.99 3.28 7.45
N HIS A 253 -12.21 4.31 7.24
CA HIS A 253 -12.23 5.48 8.10
C HIS A 253 -12.10 5.02 9.55
N ALA A 254 -11.21 4.07 9.83
CA ALA A 254 -11.07 3.51 11.18
C ALA A 254 -9.79 2.70 11.19
N PRO A 255 -9.23 2.46 12.36
CA PRO A 255 -8.07 1.58 12.50
C PRO A 255 -8.43 0.13 12.15
N GLY A 256 -7.38 -0.61 11.82
CA GLY A 256 -7.45 -2.04 11.51
C GLY A 256 -6.27 -2.74 12.08
N THR A 257 -5.93 -3.89 11.54
CA THR A 257 -4.93 -4.75 12.13
C THR A 257 -4.09 -5.44 11.07
N TYR A 258 -2.81 -5.57 11.32
CA TYR A 258 -1.90 -6.51 10.65
C TYR A 258 -1.53 -7.57 11.66
N ASN A 259 -1.76 -8.82 11.34
CA ASN A 259 -1.32 -9.94 12.17
C ASN A 259 -0.29 -10.75 11.42
N PHE A 260 0.66 -11.29 12.14
CA PHE A 260 1.71 -12.15 11.59
C PHE A 260 1.70 -13.48 12.32
N GLY A 261 1.58 -14.57 11.59
CA GLY A 261 1.76 -15.93 12.14
C GLY A 261 0.51 -16.57 12.55
N PHE A 262 -0.66 -15.98 12.40
CA PHE A 262 -1.90 -16.62 12.80
C PHE A 262 -3.05 -15.95 12.07
N ILE A 263 -4.17 -16.64 12.00
N ILE A 263 -4.11 -16.73 11.86
N ILE A 263 -4.17 -16.64 12.00
N ILE A 263 -4.11 -16.73 11.85
CA ILE A 263 -5.39 -16.16 11.32
CA ILE A 263 -5.46 -16.25 11.45
CA ILE A 263 -5.39 -16.16 11.33
CA ILE A 263 -5.46 -16.25 11.44
C ILE A 263 -6.45 -16.02 12.42
C ILE A 263 -6.33 -15.97 12.67
C ILE A 263 -6.45 -16.02 12.42
C ILE A 263 -6.33 -15.97 12.66
N ASP A 264 -6.84 -14.77 12.73
CA ASP A 264 -7.83 -14.46 13.78
C ASP A 264 -9.20 -14.82 13.26
N THR A 265 -9.74 -15.96 13.68
CA THR A 265 -11.01 -16.45 13.15
C THR A 265 -12.14 -15.59 13.68
N THR A 266 -11.94 -14.67 14.59
CA THR A 266 -13.00 -13.74 15.05
C THR A 266 -13.09 -12.49 14.17
N ALA A 267 -12.14 -12.29 13.26
CA ALA A 267 -11.99 -11.01 12.53
C ALA A 267 -12.77 -11.03 11.22
N TYR A 268 -13.42 -12.13 10.84
CA TYR A 268 -14.15 -12.16 9.56
C TYR A 268 -15.42 -12.95 9.73
N THR A 269 -16.31 -12.85 8.76
CA THR A 269 -17.57 -13.58 8.72
C THR A 269 -17.47 -14.64 7.66
N GLY A 270 -18.26 -15.70 7.77
CA GLY A 270 -18.25 -16.75 6.75
C GLY A 270 -16.90 -17.43 6.68
N SER A 271 -16.54 -17.87 5.49
N SER A 271 -16.56 -17.87 5.48
N SER A 271 -16.54 -17.87 5.49
N SER A 271 -16.56 -17.87 5.48
CA SER A 271 -15.29 -18.63 5.27
CA SER A 271 -15.32 -18.64 5.21
CA SER A 271 -15.30 -18.63 5.26
CA SER A 271 -15.32 -18.64 5.21
C SER A 271 -14.30 -17.80 4.45
C SER A 271 -14.30 -17.77 4.48
C SER A 271 -14.30 -17.80 4.44
C SER A 271 -14.30 -17.77 4.48
N ILE A 272 -13.05 -18.21 4.48
CA ILE A 272 -11.98 -17.58 3.69
C ILE A 272 -11.91 -18.36 2.40
N THR A 273 -11.94 -17.65 1.28
CA THR A 273 -11.71 -18.27 -0.02
C THR A 273 -10.30 -18.01 -0.47
N TYR A 274 -9.55 -19.05 -0.68
CA TYR A 274 -8.17 -18.95 -1.12
C TYR A 274 -8.06 -19.06 -2.62
N THR A 275 -7.11 -18.39 -3.19
CA THR A 275 -6.90 -18.29 -4.64
C THR A 275 -5.41 -18.30 -4.92
N ALA A 276 -5.04 -18.80 -6.10
CA ALA A 276 -3.64 -18.99 -6.45
C ALA A 276 -2.93 -17.67 -6.65
N VAL A 277 -1.67 -17.70 -6.34
CA VAL A 277 -0.76 -16.53 -6.50
C VAL A 277 0.33 -16.88 -7.48
N SER A 278 0.65 -15.97 -8.35
CA SER A 278 1.88 -16.03 -9.15
C SER A 278 2.89 -15.11 -8.52
N THR A 279 4.11 -15.58 -8.30
CA THR A 279 5.20 -14.75 -7.79
C THR A 279 6.14 -14.31 -8.93
N LYS A 280 5.75 -14.54 -10.18
CA LYS A 280 6.66 -14.26 -11.31
C LYS A 280 7.09 -12.81 -11.41
N GLN A 281 6.26 -11.85 -11.01
CA GLN A 281 6.65 -10.43 -11.03
C GLN A 281 7.04 -9.95 -9.62
N GLY A 282 7.07 -10.84 -8.64
CA GLY A 282 7.45 -10.46 -7.26
C GLY A 282 6.31 -9.92 -6.44
N PHE A 283 5.11 -9.95 -6.97
CA PHE A 283 3.93 -9.41 -6.27
C PHE A 283 3.05 -10.52 -5.80
N TRP A 284 2.07 -10.18 -4.95
CA TRP A 284 0.95 -11.05 -4.59
C TRP A 284 -0.08 -10.95 -5.73
N GLU A 285 0.22 -11.62 -6.86
CA GLU A 285 -0.55 -11.49 -8.08
C GLU A 285 -1.51 -12.63 -8.17
N TRP A 286 -2.76 -12.35 -8.46
CA TRP A 286 -3.84 -13.31 -8.44
C TRP A 286 -4.82 -12.94 -9.55
N THR A 287 -5.82 -13.76 -9.75
CA THR A 287 -6.83 -13.55 -10.80
C THR A 287 -8.21 -13.53 -10.20
N SER A 288 -8.84 -12.35 -10.21
CA SER A 288 -10.25 -12.24 -9.85
C SER A 288 -11.12 -12.88 -10.90
N THR A 289 -12.25 -13.38 -10.48
CA THR A 289 -13.19 -14.10 -11.36
C THR A 289 -14.24 -13.19 -11.93
N GLY A 290 -14.29 -11.91 -11.61
CA GLY A 290 -15.20 -11.00 -12.30
C GLY A 290 -15.70 -9.91 -11.39
N TYR A 291 -16.74 -9.23 -11.84
CA TYR A 291 -17.19 -8.06 -11.10
C TYR A 291 -18.65 -7.81 -11.31
N ALA A 292 -19.24 -7.04 -10.43
CA ALA A 292 -20.58 -6.47 -10.64
C ALA A 292 -20.55 -5.02 -10.21
N VAL A 293 -21.45 -4.23 -10.78
CA VAL A 293 -21.62 -2.82 -10.40
C VAL A 293 -22.94 -2.69 -9.68
N GLY A 294 -22.96 -2.20 -8.49
CA GLY A 294 -24.20 -2.07 -7.72
C GLY A 294 -24.96 -3.37 -7.66
N SER A 295 -26.26 -3.30 -7.93
N SER A 295 -26.25 -3.28 -7.99
N SER A 295 -26.27 -3.32 -7.91
N SER A 295 -26.25 -3.29 -7.96
CA SER A 295 -27.17 -4.47 -7.90
CA SER A 295 -27.22 -4.39 -7.96
CA SER A 295 -27.11 -4.54 -7.87
CA SER A 295 -27.20 -4.44 -7.93
C SER A 295 -27.17 -5.17 -9.27
C SER A 295 -27.12 -5.24 -9.23
C SER A 295 -27.17 -5.18 -9.26
C SER A 295 -27.14 -5.22 -9.24
N GLY A 296 -26.27 -4.82 -10.19
CA GLY A 296 -26.21 -5.44 -11.50
C GLY A 296 -25.76 -6.88 -11.50
N THR A 297 -25.89 -7.49 -12.67
CA THR A 297 -25.48 -8.88 -12.83
C THR A 297 -23.97 -8.98 -12.71
N PHE A 298 -23.53 -10.11 -12.23
CA PHE A 298 -22.09 -10.37 -12.11
C PHE A 298 -21.54 -10.79 -13.46
N LYS A 299 -20.48 -10.18 -13.93
CA LYS A 299 -19.79 -10.46 -15.16
C LYS A 299 -18.61 -11.36 -14.85
N SER A 300 -18.66 -12.59 -15.33
CA SER A 300 -17.59 -13.58 -15.17
C SER A 300 -16.48 -13.23 -16.15
N THR A 301 -15.32 -12.84 -15.68
CA THR A 301 -14.22 -12.46 -16.53
C THR A 301 -12.96 -12.50 -15.68
N SER A 302 -11.87 -12.97 -16.21
CA SER A 302 -10.60 -13.06 -15.46
C SER A 302 -9.95 -11.73 -15.38
N ILE A 303 -9.62 -11.24 -14.18
CA ILE A 303 -8.88 -9.96 -14.03
C ILE A 303 -7.64 -10.23 -13.21
N ASP A 304 -6.51 -10.34 -13.87
N ASP A 304 -6.49 -10.16 -13.84
N ASP A 304 -6.51 -10.34 -13.87
N ASP A 304 -6.48 -10.20 -13.85
CA ASP A 304 -5.23 -10.49 -13.16
CA ASP A 304 -5.20 -10.45 -13.19
CA ASP A 304 -5.22 -10.49 -13.17
CA ASP A 304 -5.21 -10.47 -13.15
C ASP A 304 -4.95 -9.18 -12.43
C ASP A 304 -4.66 -9.18 -12.53
C ASP A 304 -4.93 -9.18 -12.44
C ASP A 304 -4.68 -9.19 -12.52
N GLY A 305 -4.41 -9.22 -11.23
CA GLY A 305 -3.96 -8.02 -10.57
C GLY A 305 -3.19 -8.35 -9.33
N ILE A 306 -2.77 -7.34 -8.61
CA ILE A 306 -1.99 -7.54 -7.39
C ILE A 306 -2.75 -7.06 -6.18
N ALA A 307 -2.54 -7.71 -5.06
CA ALA A 307 -3.07 -7.23 -3.78
C ALA A 307 -2.03 -6.32 -3.19
N ASP A 308 -2.36 -5.03 -3.07
N ASP A 308 -2.37 -5.03 -3.07
N ASP A 308 -2.28 -4.99 -3.15
N ASP A 308 -2.28 -4.99 -3.15
CA ASP A 308 -1.35 -4.00 -2.76
CA ASP A 308 -1.36 -4.00 -2.75
CA ASP A 308 -1.25 -3.98 -2.78
CA ASP A 308 -1.25 -3.98 -2.78
C ASP A 308 -1.87 -3.07 -1.67
C ASP A 308 -1.87 -3.07 -1.66
C ASP A 308 -1.74 -3.00 -1.70
C ASP A 308 -1.74 -3.00 -1.70
N THR A 309 -1.41 -3.29 -0.44
CA THR A 309 -1.81 -2.45 0.65
C THR A 309 -1.22 -1.06 0.57
N GLY A 310 -0.16 -0.87 -0.20
N GLY A 310 -0.17 -0.85 -0.20
N GLY A 310 -0.16 -0.93 -0.21
N GLY A 310 -0.16 -0.93 -0.21
CA GLY A 310 0.50 0.45 -0.33
CA GLY A 310 0.49 0.46 -0.30
CA GLY A 310 0.57 0.34 -0.39
CA GLY A 310 0.56 0.35 -0.39
C GLY A 310 0.01 1.26 -1.52
C GLY A 310 0.01 1.27 -1.51
C GLY A 310 -0.12 1.28 -1.37
C GLY A 310 -0.12 1.28 -1.36
N THR A 311 -1.08 0.86 -2.12
N THR A 311 -1.10 0.87 -2.12
N THR A 311 -1.10 0.78 -2.12
N THR A 311 -1.10 0.78 -2.11
CA THR A 311 -1.78 1.69 -3.13
CA THR A 311 -1.78 1.70 -3.13
CA THR A 311 -1.88 1.56 -3.11
CA THR A 311 -1.88 1.56 -3.11
C THR A 311 -3.16 2.02 -2.60
C THR A 311 -3.15 2.03 -2.60
C THR A 311 -3.19 1.98 -2.47
C THR A 311 -3.19 1.98 -2.47
N THR A 312 -3.51 3.30 -2.65
N THR A 312 -3.51 3.31 -2.66
N THR A 312 -3.58 3.25 -2.64
N THR A 312 -3.58 3.25 -2.64
CA THR A 312 -4.78 3.80 -2.09
CA THR A 312 -4.78 3.79 -2.09
CA THR A 312 -4.80 3.72 -1.99
CA THR A 312 -4.80 3.72 -1.99
C THR A 312 -5.98 3.18 -2.84
C THR A 312 -5.98 3.17 -2.83
C THR A 312 -6.06 3.23 -2.70
C THR A 312 -6.06 3.23 -2.70
N LEU A 313 -5.99 3.31 -4.15
N LEU A 313 -5.99 3.31 -4.15
N LEU A 313 -6.02 3.22 -4.03
N LEU A 313 -6.02 3.22 -4.03
CA LEU A 313 -7.22 3.10 -4.92
CA LEU A 313 -7.22 3.09 -4.92
CA LEU A 313 -7.21 3.08 -4.92
CA LEU A 313 -7.21 3.08 -4.92
C LEU A 313 -7.23 1.75 -5.63
C LEU A 313 -7.23 1.74 -5.63
C LEU A 313 -7.30 1.67 -5.51
C LEU A 313 -7.30 1.67 -5.51
N LEU A 314 -8.37 1.45 -6.25
CA LEU A 314 -8.61 0.22 -7.00
C LEU A 314 -8.42 0.58 -8.47
N TYR A 315 -7.41 0.00 -9.11
CA TYR A 315 -7.08 0.26 -10.52
C TYR A 315 -7.42 -0.96 -11.35
N LEU A 316 -8.35 -0.84 -12.28
CA LEU A 316 -8.90 -1.96 -13.04
C LEU A 316 -8.93 -1.59 -14.51
N PRO A 317 -9.19 -2.57 -15.38
CA PRO A 317 -9.20 -2.26 -16.82
C PRO A 317 -10.21 -1.20 -17.16
N ALA A 318 -9.93 -0.46 -18.22
CA ALA A 318 -10.76 0.67 -18.62
C ALA A 318 -12.19 0.23 -18.88
N THR A 319 -12.40 -0.93 -19.43
CA THR A 319 -13.77 -1.44 -19.68
C THR A 319 -14.57 -1.51 -18.38
N VAL A 320 -13.94 -2.08 -17.36
CA VAL A 320 -14.60 -2.29 -16.05
C VAL A 320 -14.89 -0.96 -15.43
N VAL A 321 -13.91 -0.09 -15.43
CA VAL A 321 -14.03 1.22 -14.78
C VAL A 321 -15.09 2.07 -15.48
N SER A 322 -15.14 2.02 -16.82
CA SER A 322 -16.20 2.76 -17.53
C SER A 322 -17.56 2.21 -17.16
N ALA A 323 -17.70 0.91 -17.06
CA ALA A 323 -18.99 0.30 -16.69
C ALA A 323 -19.42 0.77 -15.30
N TYR A 324 -18.47 0.93 -14.39
CA TYR A 324 -18.81 1.43 -13.03
C TYR A 324 -19.28 2.87 -13.10
N TRP A 325 -18.49 3.77 -13.67
CA TRP A 325 -18.80 5.20 -13.60
C TRP A 325 -19.97 5.56 -14.49
N ALA A 326 -20.32 4.73 -15.44
CA ALA A 326 -21.53 4.95 -16.26
C ALA A 326 -22.77 4.92 -15.38
N GLN A 327 -22.70 4.31 -14.22
CA GLN A 327 -23.86 4.23 -13.32
C GLN A 327 -23.90 5.40 -12.39
N VAL A 328 -23.10 6.44 -12.53
CA VAL A 328 -23.08 7.61 -11.66
C VAL A 328 -23.33 8.82 -12.55
N SER A 329 -24.49 9.46 -12.37
N SER A 329 -24.46 9.49 -12.36
N SER A 329 -24.50 9.46 -12.37
N SER A 329 -24.49 9.46 -12.36
CA SER A 329 -24.88 10.64 -13.18
CA SER A 329 -24.87 10.63 -13.21
CA SER A 329 -24.89 10.66 -13.13
CA SER A 329 -24.90 10.68 -13.11
C SER A 329 -23.80 11.71 -13.02
C SER A 329 -23.89 11.79 -13.03
C SER A 329 -23.79 11.72 -13.02
C SER A 329 -23.80 11.75 -13.00
N GLY A 330 -23.30 12.21 -14.15
CA GLY A 330 -22.34 13.29 -14.18
C GLY A 330 -20.91 12.85 -13.99
N ALA A 331 -20.63 11.56 -13.79
CA ALA A 331 -19.23 11.13 -13.66
C ALA A 331 -18.53 11.19 -14.98
N LYS A 332 -17.26 11.50 -14.99
CA LYS A 332 -16.51 11.61 -16.23
C LYS A 332 -15.06 11.40 -15.89
N SER A 333 -14.29 11.03 -16.89
CA SER A 333 -12.83 11.00 -16.79
C SER A 333 -12.30 12.39 -17.15
N SER A 334 -11.53 12.95 -16.28
CA SER A 334 -10.92 14.28 -16.47
C SER A 334 -9.40 14.11 -16.62
N SER A 335 -8.86 14.43 -17.79
N SER A 335 -8.91 14.45 -17.81
N SER A 335 -8.85 14.44 -17.79
N SER A 335 -8.91 14.45 -17.81
CA SER A 335 -7.39 14.43 -18.04
CA SER A 335 -7.48 14.52 -18.16
CA SER A 335 -7.37 14.40 -18.00
CA SER A 335 -7.48 14.52 -18.16
C SER A 335 -6.73 15.53 -17.20
C SER A 335 -6.76 15.52 -17.25
C SER A 335 -6.72 15.52 -17.19
C SER A 335 -6.76 15.52 -17.25
N SER A 336 -7.42 16.65 -16.95
CA SER A 336 -6.86 17.74 -16.12
C SER A 336 -6.68 17.26 -14.67
N VAL A 337 -7.65 16.53 -14.13
CA VAL A 337 -7.55 16.09 -12.71
C VAL A 337 -6.71 14.82 -12.62
N GLY A 338 -6.77 13.97 -13.62
CA GLY A 338 -6.02 12.71 -13.68
C GLY A 338 -6.85 11.51 -13.30
N GLY A 339 -8.14 11.50 -13.63
CA GLY A 339 -8.94 10.28 -13.51
C GLY A 339 -10.38 10.61 -13.47
N TYR A 340 -11.18 9.65 -13.12
CA TYR A 340 -12.63 9.81 -12.96
C TYR A 340 -12.95 10.66 -11.74
N VAL A 341 -13.84 11.59 -12.00
CA VAL A 341 -14.45 12.48 -10.99
C VAL A 341 -15.94 12.35 -11.10
N PHE A 342 -16.63 12.72 -10.05
CA PHE A 342 -18.09 12.58 -9.99
C PHE A 342 -18.63 13.71 -9.15
N PRO A 343 -19.93 14.04 -9.33
CA PRO A 343 -20.51 15.10 -8.50
C PRO A 343 -20.55 14.67 -7.06
N CYS A 344 -20.10 15.60 -6.19
CA CYS A 344 -20.11 15.30 -4.77
C CYS A 344 -21.52 15.04 -4.25
N SER A 345 -22.55 15.43 -4.97
CA SER A 345 -23.95 15.18 -4.57
C SER A 345 -24.36 13.74 -4.87
N ALA A 346 -23.53 12.94 -5.53
CA ALA A 346 -23.94 11.58 -5.92
C ALA A 346 -23.92 10.64 -4.76
N THR A 347 -24.74 9.61 -4.87
CA THR A 347 -24.66 8.39 -4.05
C THR A 347 -24.03 7.32 -4.92
N LEU A 348 -22.89 6.78 -4.51
CA LEU A 348 -22.14 5.83 -5.37
C LEU A 348 -22.68 4.43 -5.20
N PRO A 349 -22.74 3.65 -6.27
CA PRO A 349 -23.05 2.23 -6.19
C PRO A 349 -21.88 1.45 -5.59
N SER A 350 -22.20 0.29 -5.07
CA SER A 350 -21.16 -0.64 -4.65
C SER A 350 -20.44 -1.25 -5.86
N PHE A 351 -19.36 -1.91 -5.59
CA PHE A 351 -18.58 -2.65 -6.59
C PHE A 351 -18.25 -4.00 -6.02
N THR A 352 -18.58 -5.07 -6.71
CA THR A 352 -18.29 -6.44 -6.24
C THR A 352 -17.18 -7.00 -7.07
N PHE A 353 -16.21 -7.67 -6.47
CA PHE A 353 -15.23 -8.44 -7.21
C PHE A 353 -15.25 -9.90 -6.77
N GLY A 354 -14.95 -10.78 -7.72
CA GLY A 354 -14.96 -12.22 -7.46
C GLY A 354 -13.63 -12.73 -6.97
N VAL A 355 -13.71 -13.67 -6.03
CA VAL A 355 -12.57 -14.48 -5.53
C VAL A 355 -13.03 -15.93 -5.66
N GLY A 356 -12.57 -16.60 -6.69
CA GLY A 356 -13.17 -17.92 -7.01
C GLY A 356 -14.68 -17.75 -7.10
N SER A 357 -15.45 -18.62 -6.45
N SER A 357 -15.41 -18.61 -6.40
N SER A 357 -15.48 -18.63 -6.46
N SER A 357 -15.41 -18.61 -6.40
CA SER A 357 -16.92 -18.56 -6.43
CA SER A 357 -16.89 -18.61 -6.39
CA SER A 357 -16.95 -18.51 -6.45
CA SER A 357 -16.89 -18.60 -6.39
C SER A 357 -17.45 -17.55 -5.41
C SER A 357 -17.44 -17.62 -5.36
C SER A 357 -17.46 -17.53 -5.39
C SER A 357 -17.44 -17.61 -5.36
N ALA A 358 -16.57 -16.96 -4.60
CA ALA A 358 -16.96 -16.00 -3.57
C ALA A 358 -16.99 -14.56 -4.14
N ARG A 359 -17.56 -13.69 -3.39
CA ARG A 359 -17.76 -12.28 -3.82
C ARG A 359 -17.39 -11.37 -2.68
N ILE A 360 -16.66 -10.32 -2.94
CA ILE A 360 -16.37 -9.27 -1.95
C ILE A 360 -17.07 -8.02 -2.46
N VAL A 361 -17.86 -7.43 -1.61
CA VAL A 361 -18.62 -6.20 -1.94
C VAL A 361 -17.95 -4.99 -1.33
N ILE A 362 -17.56 -4.05 -2.18
CA ILE A 362 -17.01 -2.75 -1.75
C ILE A 362 -18.19 -1.80 -1.69
N PRO A 363 -18.61 -1.29 -0.51
CA PRO A 363 -19.70 -0.34 -0.44
C PRO A 363 -19.34 0.91 -1.24
N GLY A 364 -20.39 1.58 -1.78
CA GLY A 364 -20.15 2.80 -2.52
C GLY A 364 -19.41 3.87 -1.77
N ASP A 365 -19.63 3.98 -0.47
N ASP A 365 -19.62 4.04 -0.47
N ASP A 365 -19.64 3.98 -0.48
N ASP A 365 -19.62 4.04 -0.47
CA ASP A 365 -18.95 5.04 0.29
CA ASP A 365 -18.93 5.17 0.23
CA ASP A 365 -18.95 5.05 0.28
CA ASP A 365 -18.94 5.15 0.24
C ASP A 365 -17.44 4.86 0.25
C ASP A 365 -17.43 4.86 0.42
C ASP A 365 -17.44 4.87 0.24
C ASP A 365 -17.43 4.86 0.40
N TYR A 366 -16.98 3.63 0.13
CA TYR A 366 -15.53 3.37 0.10
C TYR A 366 -14.90 3.98 -1.14
N ILE A 367 -15.70 4.27 -2.16
CA ILE A 367 -15.19 4.70 -3.50
C ILE A 367 -15.18 6.22 -3.55
N ASP A 368 -15.61 6.90 -2.48
N ASP A 368 -15.61 6.91 -2.49
CA ASP A 368 -15.56 8.38 -2.41
CA ASP A 368 -15.67 8.39 -2.52
C ASP A 368 -14.26 8.87 -1.82
C ASP A 368 -14.42 8.95 -1.84
N PHE A 369 -13.51 9.59 -2.62
CA PHE A 369 -12.27 10.22 -2.12
C PHE A 369 -12.41 11.74 -2.02
N GLY A 370 -13.61 12.23 -2.01
CA GLY A 370 -13.90 13.61 -1.60
C GLY A 370 -13.50 14.61 -2.67
N PRO A 371 -13.67 15.90 -2.30
CA PRO A 371 -13.44 16.99 -3.25
C PRO A 371 -12.08 16.94 -3.88
N ILE A 372 -11.97 17.29 -5.12
CA ILE A 372 -10.67 17.27 -5.80
C ILE A 372 -9.77 18.36 -5.29
N SER A 373 -10.32 19.41 -4.80
CA SER A 373 -9.63 20.55 -4.14
C SER A 373 -10.58 21.03 -3.11
N THR A 374 -10.06 21.67 -2.07
CA THR A 374 -10.86 22.07 -0.99
C THR A 374 -12.07 22.92 -1.45
N GLY A 375 -13.27 22.59 -1.08
CA GLY A 375 -14.46 23.31 -1.43
C GLY A 375 -15.10 22.97 -2.79
N SER A 376 -14.43 22.13 -3.58
CA SER A 376 -14.96 21.75 -4.89
C SER A 376 -16.19 20.89 -4.74
N SER A 377 -17.09 20.98 -5.69
CA SER A 377 -18.21 20.03 -5.79
C SER A 377 -17.92 18.88 -6.72
N SER A 378 -16.70 18.79 -7.27
N SER A 378 -16.67 18.77 -7.20
N SER A 378 -16.70 18.79 -7.27
N SER A 378 -16.67 18.78 -7.21
CA SER A 378 -16.26 17.59 -7.99
CA SER A 378 -16.16 17.64 -8.00
CA SER A 378 -16.26 17.60 -7.99
CA SER A 378 -16.17 17.64 -8.01
C SER A 378 -15.45 16.74 -7.02
C SER A 378 -15.36 16.72 -7.08
C SER A 378 -15.45 16.74 -7.02
C SER A 378 -15.37 16.72 -7.08
N CYS A 379 -15.77 15.46 -6.99
CA CYS A 379 -15.16 14.50 -6.08
C CYS A 379 -14.34 13.47 -6.85
N PHE A 380 -13.30 12.99 -6.23
CA PHE A 380 -12.39 12.05 -6.92
C PHE A 380 -12.82 10.61 -6.66
N GLY A 381 -12.85 9.82 -7.71
CA GLY A 381 -13.27 8.42 -7.59
C GLY A 381 -12.21 7.48 -7.05
N GLY A 382 -12.68 6.46 -6.36
CA GLY A 382 -11.78 5.46 -5.81
C GLY A 382 -11.51 4.27 -6.68
N ILE A 383 -12.21 4.18 -7.81
CA ILE A 383 -11.98 3.18 -8.83
C ILE A 383 -11.48 3.94 -10.04
N GLN A 384 -10.31 3.58 -10.55
CA GLN A 384 -9.64 4.29 -11.63
C GLN A 384 -9.12 3.29 -12.62
N SER A 385 -8.85 3.75 -13.82
CA SER A 385 -8.29 2.86 -14.86
C SER A 385 -6.84 2.52 -14.60
N SER A 386 -6.51 1.28 -14.83
CA SER A 386 -5.13 0.80 -14.82
C SER A 386 -4.42 0.97 -16.14
N ALA A 387 -5.05 1.55 -17.14
N ALA A 387 -5.09 1.50 -17.16
N ALA A 387 -5.06 1.53 -17.15
N ALA A 387 -5.11 1.45 -17.17
CA ALA A 387 -4.42 1.68 -18.48
CA ALA A 387 -4.60 1.54 -18.56
CA ALA A 387 -4.43 1.62 -18.47
CA ALA A 387 -4.60 1.49 -18.56
C ALA A 387 -3.25 2.66 -18.37
C ALA A 387 -3.17 2.08 -18.63
C ALA A 387 -3.26 2.60 -18.40
C ALA A 387 -3.15 1.98 -18.59
N GLY A 388 -2.07 2.20 -18.79
N GLY A 388 -2.82 3.07 -17.82
N GLY A 388 -2.07 2.13 -18.80
N GLY A 388 -2.82 3.07 -17.90
CA GLY A 388 -0.80 2.94 -18.67
CA GLY A 388 -1.51 3.77 -17.86
CA GLY A 388 -0.81 2.89 -18.73
CA GLY A 388 -1.49 3.72 -17.96
C GLY A 388 0.03 2.35 -17.56
C GLY A 388 -0.53 3.21 -16.85
C GLY A 388 -0.03 2.48 -17.50
C GLY A 388 -0.45 3.01 -17.12
N ILE A 389 -0.60 1.83 -16.50
N ILE A 389 -0.75 1.97 -16.37
N ILE A 389 -0.64 1.76 -16.54
N ILE A 389 -0.81 1.94 -16.42
CA ILE A 389 0.11 1.27 -15.30
CA ILE A 389 0.06 1.31 -15.29
CA ILE A 389 0.08 1.27 -15.33
CA ILE A 389 0.04 1.32 -15.33
C ILE A 389 0.76 -0.05 -15.70
C ILE A 389 0.76 0.04 -15.78
C ILE A 389 0.75 -0.04 -15.70
C ILE A 389 0.75 0.05 -15.79
N GLY A 390 0.10 -0.83 -16.55
CA GLY A 390 0.64 -2.10 -17.01
C GLY A 390 0.22 -3.22 -16.09
N ILE A 391 -0.52 -2.93 -14.99
CA ILE A 391 -1.06 -3.96 -14.05
C ILE A 391 -2.31 -3.42 -13.35
N ASN A 392 -3.18 -4.33 -13.08
CA ASN A 392 -4.36 -4.02 -12.25
C ASN A 392 -3.94 -4.10 -10.80
N ILE A 393 -4.46 -3.19 -9.99
N ILE A 393 -4.47 -3.20 -9.99
N ILE A 393 -4.51 -3.22 -9.98
N ILE A 393 -4.51 -3.22 -9.98
CA ILE A 393 -4.03 -3.08 -8.56
CA ILE A 393 -4.03 -3.09 -8.56
CA ILE A 393 -4.09 -3.15 -8.57
CA ILE A 393 -4.09 -3.15 -8.57
C ILE A 393 -5.25 -3.10 -7.65
C ILE A 393 -5.25 -3.10 -7.65
C ILE A 393 -5.30 -3.13 -7.68
C ILE A 393 -5.30 -3.13 -7.68
N PHE A 394 -5.40 -4.15 -6.85
CA PHE A 394 -6.40 -4.21 -5.79
C PHE A 394 -5.78 -3.52 -4.60
N GLY A 395 -5.89 -2.21 -4.54
CA GLY A 395 -5.38 -1.39 -3.46
C GLY A 395 -6.35 -1.31 -2.32
N ASP A 396 -6.12 -0.36 -1.46
CA ASP A 396 -6.84 -0.30 -0.18
C ASP A 396 -8.35 -0.23 -0.35
N VAL A 397 -8.86 0.47 -1.36
CA VAL A 397 -10.31 0.53 -1.60
C VAL A 397 -10.89 -0.88 -1.63
N ALA A 398 -10.24 -1.78 -2.33
CA ALA A 398 -10.71 -3.17 -2.38
C ALA A 398 -10.37 -3.94 -1.12
N LEU A 399 -9.12 -3.85 -0.65
CA LEU A 399 -8.67 -4.71 0.44
C LEU A 399 -9.39 -4.39 1.72
N LYS A 400 -9.78 -3.13 1.96
N LYS A 400 -9.74 -3.12 1.96
N LYS A 400 -9.77 -3.13 1.96
N LYS A 400 -9.73 -3.12 1.96
CA LYS A 400 -10.39 -2.82 3.28
CA LYS A 400 -10.39 -2.75 3.24
CA LYS A 400 -10.38 -2.81 3.28
CA LYS A 400 -10.39 -2.75 3.24
C LYS A 400 -11.85 -3.27 3.32
C LYS A 400 -11.79 -3.35 3.33
C LYS A 400 -11.85 -3.27 3.32
C LYS A 400 -11.79 -3.35 3.33
N ALA A 401 -12.39 -3.79 2.23
CA ALA A 401 -13.69 -4.46 2.25
C ALA A 401 -13.55 -5.93 2.68
N ALA A 402 -12.36 -6.42 2.90
CA ALA A 402 -12.15 -7.85 3.17
C ALA A 402 -11.16 -8.04 4.32
N PHE A 403 -11.17 -9.26 4.84
CA PHE A 403 -10.10 -9.81 5.68
C PHE A 403 -9.19 -10.57 4.71
N VAL A 404 -7.94 -10.21 4.57
CA VAL A 404 -7.07 -10.72 3.52
C VAL A 404 -5.92 -11.50 4.14
N VAL A 405 -5.76 -12.73 3.72
CA VAL A 405 -4.67 -13.61 4.15
C VAL A 405 -3.59 -13.67 3.09
N PHE A 406 -2.39 -13.33 3.46
CA PHE A 406 -1.21 -13.45 2.61
C PHE A 406 -0.48 -14.69 3.10
N ASN A 407 -0.70 -15.79 2.39
CA ASN A 407 -0.17 -17.11 2.79
C ASN A 407 1.16 -17.32 2.08
N GLY A 408 2.22 -17.25 2.86
CA GLY A 408 3.60 -17.40 2.39
C GLY A 408 4.15 -18.80 2.53
N ALA A 409 3.33 -19.79 2.53
CA ALA A 409 3.77 -21.21 2.41
C ALA A 409 4.52 -21.41 1.10
N THR A 410 5.16 -22.60 0.99
CA THR A 410 6.03 -22.90 -0.17
C THR A 410 5.32 -22.55 -1.48
N THR A 411 4.06 -22.95 -1.59
CA THR A 411 3.14 -22.47 -2.66
C THR A 411 2.26 -21.34 -2.07
N PRO A 412 2.59 -20.07 -2.37
CA PRO A 412 1.80 -18.99 -1.79
C PRO A 412 0.40 -18.92 -2.32
N THR A 413 -0.50 -18.43 -1.50
CA THR A 413 -1.89 -18.19 -1.90
C THR A 413 -2.37 -16.92 -1.22
N LEU A 414 -3.45 -16.36 -1.76
N LEU A 414 -3.59 -16.55 -1.56
N LEU A 414 -3.45 -16.36 -1.76
N LEU A 414 -3.59 -16.55 -1.56
CA LEU A 414 -4.21 -15.28 -1.06
CA LEU A 414 -4.19 -15.32 -1.07
CA LEU A 414 -4.21 -15.28 -1.06
CA LEU A 414 -4.19 -15.32 -1.07
C LEU A 414 -5.53 -15.85 -0.59
C LEU A 414 -5.65 -15.62 -0.70
C LEU A 414 -5.53 -15.84 -0.59
C LEU A 414 -5.65 -15.63 -0.70
N GLY A 415 -6.01 -15.36 0.56
CA GLY A 415 -7.34 -15.64 1.01
C GLY A 415 -8.13 -14.37 1.21
N PHE A 416 -9.39 -14.39 0.88
CA PHE A 416 -10.31 -13.29 1.14
C PHE A 416 -11.51 -13.74 1.87
N ALA A 417 -11.95 -13.03 2.88
CA ALA A 417 -13.20 -13.23 3.59
C ALA A 417 -13.92 -11.90 3.68
N SER A 418 -15.23 -11.95 3.71
CA SER A 418 -16.04 -10.78 4.11
C SER A 418 -15.84 -10.54 5.60
N LYS A 419 -16.25 -9.34 6.05
CA LYS A 419 -16.09 -9.02 7.48
C LYS A 419 -17.15 -8.01 7.93
#